data_6LOS
#
_entry.id   6LOS
#
_cell.length_a   95.378
_cell.length_b   147.773
_cell.length_c   91.548
_cell.angle_alpha   90.000
_cell.angle_beta   90.000
_cell.angle_gamma   90.000
#
_symmetry.space_group_name_H-M   'C 2 2 21'
#
loop_
_entity.id
_entity.type
_entity.pdbx_description
1 polymer 'Pigment epithelium-derived factor'
2 polymer 'Collagen model peptide, type I, alpha 2'
3 polymer 'Collagen model peptide, type I, alpha 1'
4 polymer 'Collagen model peptide, type I, alpha 1'
5 non-polymer 'SULFATE ION'
6 water water
#
loop_
_entity_poly.entity_id
_entity_poly.type
_entity_poly.pdbx_seq_one_letter_code
_entity_poly.pdbx_strand_id
1 'polypeptide(L)'
;EPVEEEDPFFKVPVNKLAAAVSNFGYDLYRLRSSASPTGNVLLSPLSVATALSALSLGAEHRTESVIHRALYYDLITNPD
IHSTYKELLASVTAPEKNLKSASRIVFERKLRVKSSFVAPLEKSYGTRPRILTGNPRVDLQEINNWVQAQMKGKIARSTR
EMPSALSILLLGVAYFKGQWVTKFDSRKTTLQDFHLDEDRTVRVPMMSDPKAILRYGLDSDLNCKIAQLPLTGSMSIIFF
LPLTVTQNLTMIEESLTSEFIHDIDRELKTIQAVLTVPKLKLSFEGELTKSLQDMKLQSLFESPDFSKITGKPVKLTQVE
HRAAFEWNEEGAGSSPSGLQVRTFPLDYHLNQPFLFVLRDTDTGALLFIGRILDPSS
;
A
2 'polypeptide(L)' YGP(HYP)GP(HYP)GP(HYP)GP(HYP)GLKGHNGL(HYP)GP(HYP)GP(HYP)GP(HYP)GPCG F
3 'polypeptide(L)' GP(HYP)GP(HYP)GP(HYP)GPKGHRGFSGL(HYP)GP(HYP)GP(HYP)GP(HYP)GCCG G
4 'polypeptide(L)' GP(HYP)GP(HYP)GP(HYP)GPKGHRGFSGL(HYP)GP(HYP)GP(HYP)GP(HYP)GCG H
#
loop_
_chem_comp.id
_chem_comp.type
_chem_comp.name
_chem_comp.formula
SO4 non-polymer 'SULFATE ION' 'O4 S -2'
#
# COMPACT_ATOMS: atom_id res chain seq x y z
N GLU A 1 -32.89 2.03 -11.30
CA GLU A 1 -32.11 1.62 -10.12
C GLU A 1 -31.10 0.47 -10.33
N PRO A 2 -31.37 -0.52 -11.18
CA PRO A 2 -30.39 -1.61 -11.36
C PRO A 2 -29.02 -1.10 -11.79
N VAL A 3 -27.98 -1.83 -11.40
CA VAL A 3 -26.60 -1.40 -11.57
C VAL A 3 -25.72 -2.58 -11.95
N GLU A 4 -24.58 -2.27 -12.56
CA GLU A 4 -23.65 -3.30 -12.98
C GLU A 4 -23.10 -4.04 -11.76
N GLU A 5 -22.74 -5.30 -11.97
CA GLU A 5 -22.15 -6.14 -10.95
C GLU A 5 -20.76 -5.66 -10.58
N GLU A 6 -20.42 -5.80 -9.30
CA GLU A 6 -19.06 -5.51 -8.85
C GLU A 6 -18.07 -6.49 -9.48
N ASP A 7 -16.91 -5.97 -9.87
CA ASP A 7 -15.75 -6.75 -10.28
C ASP A 7 -15.64 -8.02 -9.45
N PRO A 8 -15.62 -9.20 -10.08
CA PRO A 8 -15.68 -10.45 -9.29
C PRO A 8 -14.55 -10.58 -8.29
N PHE A 9 -13.42 -9.92 -8.52
CA PHE A 9 -12.29 -10.03 -7.63
C PHE A 9 -12.63 -9.53 -6.23
N PHE A 10 -13.41 -8.45 -6.13
CA PHE A 10 -13.75 -7.82 -4.86
C PHE A 10 -14.94 -8.48 -4.19
N LYS A 11 -15.56 -9.45 -4.84
CA LYS A 11 -16.65 -10.22 -4.26
C LYS A 11 -16.16 -11.39 -3.43
N VAL A 12 -14.89 -11.76 -3.55
CA VAL A 12 -14.30 -12.70 -2.59
C VAL A 12 -14.11 -12.00 -1.24
N PRO A 13 -14.51 -12.61 -0.12
CA PRO A 13 -14.40 -11.91 1.17
C PRO A 13 -12.99 -11.53 1.58
N VAL A 14 -12.01 -12.44 1.47
CA VAL A 14 -10.64 -12.08 1.86
C VAL A 14 -10.11 -10.92 1.02
N ASN A 15 -10.49 -10.87 -0.27
CA ASN A 15 -10.08 -9.78 -1.15
C ASN A 15 -10.79 -8.49 -0.79
N LYS A 16 -12.07 -8.58 -0.43
CA LYS A 16 -12.82 -7.39 -0.05
C LYS A 16 -12.23 -6.78 1.23
N LEU A 17 -11.75 -7.63 2.16
CA LEU A 17 -11.08 -7.15 3.35
C LEU A 17 -9.69 -6.64 3.03
N ALA A 18 -8.94 -7.36 2.16
CA ALA A 18 -7.64 -6.86 1.75
C ALA A 18 -7.75 -5.47 1.13
N ALA A 19 -8.82 -5.22 0.37
CA ALA A 19 -8.99 -3.90 -0.23
C ALA A 19 -9.31 -2.85 0.82
N ALA A 20 -10.09 -3.23 1.85
CA ALA A 20 -10.47 -2.27 2.87
C ALA A 20 -9.26 -1.86 3.69
N VAL A 21 -8.52 -2.85 4.22
CA VAL A 21 -7.32 -2.57 5.01
C VAL A 21 -6.27 -1.86 4.16
N SER A 22 -6.18 -2.22 2.87
CA SER A 22 -5.22 -1.54 2.00
C SER A 22 -5.59 -0.08 1.78
N ASN A 23 -6.89 0.23 1.77
CA ASN A 23 -7.34 1.61 1.56
C ASN A 23 -7.04 2.48 2.76
N PHE A 24 -7.18 1.93 3.98
CA PHE A 24 -6.62 2.61 5.14
C PHE A 24 -5.13 2.85 4.92
N GLY A 25 -4.42 1.82 4.46
CA GLY A 25 -3.00 1.96 4.14
C GLY A 25 -2.68 3.10 3.19
N TYR A 26 -3.53 3.31 2.17
CA TYR A 26 -3.28 4.43 1.25
C TYR A 26 -3.61 5.76 1.91
N ASP A 27 -4.62 5.79 2.78
CA ASP A 27 -4.92 7.00 3.53
C ASP A 27 -3.76 7.39 4.46
N LEU A 28 -3.15 6.40 5.11
CA LEU A 28 -2.05 6.68 6.02
C LEU A 28 -0.79 7.11 5.25
N TYR A 29 -0.51 6.48 4.11
CA TYR A 29 0.64 6.90 3.32
C TYR A 29 0.50 8.33 2.83
N ARG A 30 -0.72 8.78 2.52
CA ARG A 30 -0.90 10.16 2.07
C ARG A 30 -0.56 11.14 3.20
N LEU A 31 -0.95 10.82 4.44
CA LEU A 31 -0.64 11.72 5.54
C LEU A 31 0.83 11.67 5.89
N ARG A 32 1.46 10.51 5.74
CA ARG A 32 2.91 10.41 5.92
C ARG A 32 3.66 11.15 4.83
N SER A 33 3.30 10.92 3.57
CA SER A 33 4.00 11.59 2.47
C SER A 33 3.75 13.10 2.49
N SER A 34 2.54 13.51 2.84
CA SER A 34 2.23 14.94 2.92
C SER A 34 2.94 15.60 4.10
N ALA A 35 3.15 14.87 5.18
CA ALA A 35 3.81 15.45 6.35
C ALA A 35 5.32 15.50 6.22
N SER A 36 5.89 15.10 5.08
CA SER A 36 7.34 15.21 4.91
C SER A 36 7.66 15.41 3.43
N PRO A 37 8.05 16.62 3.02
CA PRO A 37 8.18 16.93 1.59
C PRO A 37 9.49 16.47 0.96
N THR A 38 10.48 16.05 1.74
CA THR A 38 11.74 15.55 1.22
C THR A 38 11.96 14.15 1.75
N GLY A 39 13.03 13.51 1.29
CA GLY A 39 13.30 12.16 1.73
C GLY A 39 12.32 11.12 1.21
N ASN A 40 12.67 9.87 1.45
CA ASN A 40 11.85 8.73 1.11
C ASN A 40 10.70 8.60 2.09
N VAL A 41 9.64 7.90 1.68
CA VAL A 41 8.61 7.42 2.58
C VAL A 41 8.48 5.93 2.33
N LEU A 42 8.84 5.14 3.34
CA LEU A 42 8.76 3.68 3.29
C LEU A 42 7.82 3.24 4.39
N LEU A 43 6.88 2.37 4.05
CA LEU A 43 5.71 2.21 4.90
C LEU A 43 5.03 0.90 4.56
N SER A 44 4.78 0.07 5.56
CA SER A 44 4.06 -1.18 5.38
C SER A 44 2.83 -1.16 6.29
N PRO A 45 1.74 -0.50 5.86
CA PRO A 45 0.67 -0.16 6.81
C PRO A 45 -0.17 -1.35 7.23
N LEU A 46 0.04 -2.54 6.68
CA LEU A 46 -0.80 -3.67 7.05
C LEU A 46 -0.62 -4.02 8.52
N SER A 47 0.64 -4.07 8.98
CA SER A 47 0.89 -4.37 10.39
C SER A 47 0.21 -3.33 11.29
N VAL A 48 0.13 -2.08 10.84
CA VAL A 48 -0.58 -1.06 11.60
C VAL A 48 -2.08 -1.36 11.61
N ALA A 49 -2.67 -1.59 10.44
CA ALA A 49 -4.11 -1.85 10.40
C ALA A 49 -4.47 -3.13 11.16
N THR A 50 -3.61 -4.15 11.06
CA THR A 50 -3.80 -5.38 11.84
C THR A 50 -3.85 -5.08 13.34
N ALA A 51 -2.89 -4.31 13.85
CA ALA A 51 -2.92 -3.94 15.27
C ALA A 51 -4.19 -3.15 15.60
N LEU A 52 -4.64 -2.30 14.68
CA LEU A 52 -5.86 -1.52 14.92
C LEU A 52 -7.09 -2.41 14.96
N SER A 53 -7.19 -3.37 14.07
CA SER A 53 -8.43 -4.14 13.97
C SER A 53 -8.51 -5.14 15.11
N ALA A 54 -7.36 -5.67 15.53
CA ALA A 54 -7.33 -6.53 16.70
C ALA A 54 -7.80 -5.78 17.95
N LEU A 55 -7.27 -4.57 18.15
CA LEU A 55 -7.69 -3.76 19.30
C LEU A 55 -9.19 -3.49 19.29
N SER A 56 -9.81 -3.43 18.11
CA SER A 56 -11.26 -3.21 18.05
C SER A 56 -12.05 -4.37 18.65
N LEU A 57 -11.41 -5.51 18.92
CA LEU A 57 -12.09 -6.60 19.61
C LEU A 57 -12.54 -6.17 21.01
N GLY A 58 -11.66 -5.50 21.74
CA GLY A 58 -12.02 -5.09 23.07
C GLY A 58 -12.71 -3.74 23.08
N ALA A 59 -13.24 -3.31 21.95
CA ALA A 59 -13.88 -2.00 21.87
C ALA A 59 -15.39 -2.17 21.85
N GLU A 60 -16.09 -1.32 22.60
CA GLU A 60 -17.54 -1.33 22.67
C GLU A 60 -18.10 -0.33 21.68
N HIS A 61 -19.37 -0.56 21.30
CA HIS A 61 -19.91 -0.15 20.01
C HIS A 61 -19.43 1.21 19.51
N ARG A 62 -19.58 2.24 20.33
CA ARG A 62 -19.36 3.63 19.85
C ARG A 62 -17.92 3.94 19.45
N THR A 63 -16.97 3.19 19.96
CA THR A 63 -15.59 3.42 19.55
C THR A 63 -15.03 2.25 18.75
N GLU A 64 -15.65 1.08 18.80
CA GLU A 64 -15.36 0.11 17.75
C GLU A 64 -15.90 0.61 16.41
N SER A 65 -16.97 1.41 16.44
CA SER A 65 -17.55 1.95 15.22
C SER A 65 -16.61 2.93 14.53
N VAL A 66 -15.75 3.56 15.33
CA VAL A 66 -14.80 4.55 14.77
C VAL A 66 -13.60 3.80 14.19
N ILE A 67 -13.26 2.65 14.75
CA ILE A 67 -12.13 1.88 14.20
C ILE A 67 -12.59 1.19 12.93
N HIS A 68 -13.85 0.84 12.86
CA HIS A 68 -14.41 0.14 11.70
C HIS A 68 -14.51 1.10 10.53
N ARG A 69 -14.84 2.35 10.80
CA ARG A 69 -14.97 3.40 9.77
C ARG A 69 -13.62 3.73 9.14
N ALA A 70 -12.56 3.72 9.93
CA ALA A 70 -11.24 4.10 9.42
C ALA A 70 -10.64 2.91 8.68
N LEU A 71 -11.12 1.72 8.99
CA LEU A 71 -10.61 0.51 8.35
C LEU A 71 -11.45 0.06 7.16
N TYR A 72 -12.44 0.84 6.76
CA TYR A 72 -13.31 0.54 5.62
C TYR A 72 -14.11 -0.74 5.83
N TYR A 73 -14.32 -1.11 7.10
CA TYR A 73 -15.17 -2.24 7.45
C TYR A 73 -16.65 -1.91 7.30
N ASP A 74 -17.02 -0.63 7.39
CA ASP A 74 -18.41 -0.24 7.31
C ASP A 74 -18.98 -0.39 5.91
N LEU A 75 -18.13 -0.56 4.90
CA LEU A 75 -18.57 -0.89 3.54
C LEU A 75 -18.64 -2.39 3.29
N ILE A 76 -17.96 -3.19 4.11
CA ILE A 76 -17.89 -4.64 3.96
C ILE A 76 -19.10 -5.25 4.66
N THR A 77 -19.61 -6.34 4.09
CA THR A 77 -20.61 -7.17 4.75
C THR A 77 -20.02 -8.57 4.95
N ASN A 78 -19.97 -9.00 6.22
CA ASN A 78 -19.28 -10.21 6.64
C ASN A 78 -19.67 -10.52 8.08
N PRO A 79 -20.31 -11.67 8.35
CA PRO A 79 -20.64 -12.02 9.74
C PRO A 79 -19.42 -12.14 10.63
N ASP A 80 -18.35 -12.75 10.14
CA ASP A 80 -17.14 -13.03 10.93
C ASP A 80 -15.93 -12.40 10.25
N ILE A 81 -15.85 -11.06 10.28
CA ILE A 81 -14.78 -10.35 9.59
C ILE A 81 -13.41 -10.66 10.22
N HIS A 82 -13.36 -10.91 11.53
CA HIS A 82 -12.09 -11.19 12.18
C HIS A 82 -11.52 -12.54 11.76
N SER A 83 -12.39 -13.51 11.44
CA SER A 83 -11.86 -14.75 10.92
C SER A 83 -11.46 -14.64 9.44
N THR A 84 -12.12 -13.77 8.67
CA THR A 84 -11.57 -13.44 7.36
C THR A 84 -10.21 -12.78 7.52
N TYR A 85 -10.01 -11.99 8.59
CA TYR A 85 -8.72 -11.36 8.80
C TYR A 85 -7.64 -12.39 9.11
N LYS A 86 -7.97 -13.39 9.93
CA LYS A 86 -7.06 -14.51 10.14
C LYS A 86 -6.69 -15.14 8.80
N GLU A 87 -7.70 -15.37 7.95
CA GLU A 87 -7.48 -15.88 6.60
C GLU A 87 -6.51 -14.99 5.82
N LEU A 88 -6.82 -13.70 5.75
CA LEU A 88 -5.97 -12.75 5.03
C LEU A 88 -4.52 -12.79 5.52
N LEU A 89 -4.31 -12.82 6.85
CA LEU A 89 -2.96 -12.76 7.38
C LEU A 89 -2.17 -14.02 7.04
N ALA A 90 -2.84 -15.17 6.96
CA ALA A 90 -2.14 -16.41 6.61
C ALA A 90 -1.76 -16.46 5.13
N SER A 91 -2.50 -15.77 4.26
CA SER A 91 -2.05 -15.69 2.85
C SER A 91 -0.74 -14.92 2.74
N VAL A 92 -0.74 -13.65 3.15
CA VAL A 92 0.31 -12.71 2.73
C VAL A 92 1.61 -12.86 3.51
N THR A 93 1.61 -13.69 4.54
CA THR A 93 2.82 -13.99 5.32
C THR A 93 3.31 -15.41 5.11
N ALA A 94 2.70 -16.16 4.21
CA ALA A 94 3.20 -17.49 3.86
C ALA A 94 4.67 -17.39 3.46
N PRO A 95 5.42 -18.49 3.50
CA PRO A 95 6.88 -18.38 3.28
C PRO A 95 7.28 -17.89 1.89
N GLU A 96 6.54 -18.26 0.84
CA GLU A 96 6.95 -17.84 -0.50
C GLU A 96 6.68 -16.36 -0.76
N LYS A 97 5.90 -15.71 0.10
CA LYS A 97 5.70 -14.27 -0.01
C LYS A 97 6.95 -13.49 0.35
N ASN A 98 7.87 -14.08 1.12
CA ASN A 98 9.08 -13.40 1.60
C ASN A 98 8.77 -12.15 2.43
N LEU A 99 7.54 -12.02 2.91
CA LEU A 99 7.11 -10.87 3.69
C LEU A 99 6.86 -11.29 5.13
N LYS A 100 7.47 -10.57 6.07
CA LYS A 100 7.30 -10.81 7.51
C LYS A 100 6.58 -9.61 8.11
N SER A 101 5.43 -9.85 8.75
CA SER A 101 4.59 -8.75 9.26
C SER A 101 3.97 -9.16 10.58
N ALA A 102 4.20 -8.36 11.62
CA ALA A 102 3.78 -8.70 12.97
C ALA A 102 3.19 -7.49 13.66
N SER A 103 2.14 -7.73 14.44
CA SER A 103 1.47 -6.68 15.20
C SER A 103 1.43 -7.05 16.69
N ARG A 104 1.47 -6.02 17.54
CA ARG A 104 1.50 -6.26 18.98
C ARG A 104 0.74 -5.17 19.70
N ILE A 105 0.02 -5.56 20.74
CA ILE A 105 -0.68 -4.62 21.60
C ILE A 105 0.05 -4.57 22.93
N VAL A 106 0.53 -3.39 23.32
CA VAL A 106 1.33 -3.23 24.53
C VAL A 106 0.55 -2.36 25.53
N PHE A 107 0.45 -2.87 26.75
CA PHE A 107 -0.40 -2.32 27.79
C PHE A 107 0.42 -1.80 28.96
N GLU A 108 -0.15 -0.83 29.68
CA GLU A 108 0.48 -0.31 30.89
C GLU A 108 0.68 -1.43 31.91
N ARG A 109 1.73 -1.32 32.71
CA ARG A 109 2.06 -2.37 33.67
C ARG A 109 0.91 -2.59 34.64
N LYS A 110 0.85 -3.83 35.17
CA LYS A 110 -0.15 -4.21 36.17
C LYS A 110 -1.56 -3.89 35.69
N LEU A 111 -1.89 -4.34 34.48
CA LEU A 111 -3.24 -4.24 33.95
C LEU A 111 -3.82 -5.64 33.84
N ARG A 112 -4.96 -5.86 34.51
CA ARG A 112 -5.69 -7.11 34.33
C ARG A 112 -6.53 -7.00 33.05
N VAL A 113 -6.27 -7.89 32.11
CA VAL A 113 -6.93 -7.89 30.81
C VAL A 113 -7.92 -9.04 30.79
N LYS A 114 -9.21 -8.72 30.65
CA LYS A 114 -10.24 -9.74 30.53
C LYS A 114 -9.80 -10.77 29.49
N SER A 115 -9.86 -12.06 29.86
CA SER A 115 -9.57 -13.07 28.85
C SER A 115 -10.70 -13.22 27.85
N SER A 116 -11.86 -12.61 28.10
CA SER A 116 -12.86 -12.47 27.06
C SER A 116 -12.27 -11.76 25.83
N PHE A 117 -11.17 -11.04 26.01
CA PHE A 117 -10.49 -10.30 24.94
C PHE A 117 -9.22 -10.99 24.46
N VAL A 118 -8.51 -11.69 25.35
CA VAL A 118 -7.29 -12.38 24.93
C VAL A 118 -7.63 -13.53 24.00
N ALA A 119 -8.72 -14.23 24.29
CA ALA A 119 -9.09 -15.42 23.52
C ALA A 119 -9.32 -15.10 22.05
N PRO A 120 -10.27 -14.25 21.66
CA PRO A 120 -10.46 -13.99 20.21
C PRO A 120 -9.20 -13.45 19.56
N LEU A 121 -8.61 -12.39 20.13
CA LEU A 121 -7.32 -11.82 19.76
C LEU A 121 -6.33 -12.91 19.38
N GLU A 122 -6.33 -14.00 20.13
CA GLU A 122 -5.35 -15.04 19.90
C GLU A 122 -5.76 -15.98 18.78
N LYS A 123 -7.06 -16.20 18.60
CA LYS A 123 -7.50 -17.07 17.52
C LYS A 123 -7.39 -16.38 16.16
N SER A 124 -7.84 -15.14 16.06
CA SER A 124 -7.80 -14.48 14.76
C SER A 124 -6.41 -13.94 14.44
N TYR A 125 -5.71 -13.36 15.41
CA TYR A 125 -4.53 -12.57 15.09
C TYR A 125 -3.21 -13.21 15.51
N GLY A 126 -3.24 -14.33 16.21
CA GLY A 126 -2.01 -15.06 16.49
C GLY A 126 -1.00 -14.32 17.34
N THR A 127 -1.46 -13.38 18.16
CA THR A 127 -0.56 -12.58 18.99
C THR A 127 -1.08 -12.56 20.42
N ARG A 128 -0.19 -12.21 21.35
CA ARG A 128 -0.51 -12.14 22.77
C ARG A 128 -0.15 -10.75 23.28
N PRO A 129 -1.02 -10.15 24.10
CA PRO A 129 -0.75 -8.80 24.62
C PRO A 129 0.53 -8.76 25.45
N ARG A 130 1.15 -7.60 25.48
CA ARG A 130 2.38 -7.39 26.25
C ARG A 130 2.04 -6.47 27.41
N ILE A 131 2.07 -7.01 28.62
CA ILE A 131 1.90 -6.23 29.84
C ILE A 131 3.28 -5.73 30.27
N LEU A 132 3.46 -4.41 30.28
CA LEU A 132 4.75 -3.85 30.66
C LEU A 132 5.04 -4.11 32.13
N THR A 133 6.31 -3.96 32.49
CA THR A 133 6.76 -4.29 33.83
C THR A 133 7.01 -3.07 34.70
N GLY A 134 7.31 -1.89 34.10
CA GLY A 134 7.71 -0.71 34.84
C GLY A 134 9.20 -0.46 34.81
N ASN A 135 10.01 -1.51 34.72
CA ASN A 135 11.42 -1.43 34.42
C ASN A 135 11.60 -1.01 32.97
N PRO A 136 11.96 0.26 32.71
CA PRO A 136 11.99 0.71 31.31
C PRO A 136 13.12 0.10 30.49
N ARG A 137 14.30 -0.13 31.08
CA ARG A 137 15.36 -0.80 30.34
C ARG A 137 14.94 -2.19 29.87
N VAL A 138 14.27 -2.95 30.74
CA VAL A 138 13.97 -4.33 30.38
C VAL A 138 12.71 -4.43 29.51
N ASP A 139 11.80 -3.46 29.63
CA ASP A 139 10.65 -3.38 28.74
C ASP A 139 11.07 -3.14 27.30
N LEU A 140 11.95 -2.17 27.10
CA LEU A 140 12.59 -1.99 25.80
C LEU A 140 13.19 -3.27 25.27
N GLN A 141 13.95 -3.98 26.10
CA GLN A 141 14.62 -5.17 25.60
C GLN A 141 13.63 -6.27 25.25
N GLU A 142 12.47 -6.33 25.93
CA GLU A 142 11.49 -7.36 25.60
C GLU A 142 10.88 -7.15 24.22
N ILE A 143 10.62 -5.89 23.86
CA ILE A 143 10.05 -5.59 22.54
C ILE A 143 11.11 -5.71 21.46
N ASN A 144 12.30 -5.17 21.69
CA ASN A 144 13.39 -5.46 20.78
C ASN A 144 13.61 -6.97 20.62
N ASN A 145 13.34 -7.76 21.67
CA ASN A 145 13.43 -9.20 21.50
C ASN A 145 12.27 -9.76 20.70
N TRP A 146 11.08 -9.17 20.86
CA TRP A 146 9.91 -9.69 20.18
C TRP A 146 9.92 -9.34 18.68
N VAL A 147 10.31 -8.10 18.34
CA VAL A 147 10.57 -7.73 16.96
C VAL A 147 11.69 -8.56 16.38
N GLN A 148 12.74 -8.80 17.16
CA GLN A 148 13.88 -9.55 16.64
C GLN A 148 13.49 -10.98 16.29
N ALA A 149 12.52 -11.54 17.03
CA ALA A 149 12.11 -12.91 16.81
C ALA A 149 11.08 -13.01 15.69
N GLN A 150 10.17 -12.03 15.60
CA GLN A 150 9.14 -12.04 14.59
C GLN A 150 9.66 -11.65 13.22
N MET A 151 10.83 -11.03 13.15
CA MET A 151 11.41 -10.52 11.92
C MET A 151 12.77 -11.14 11.63
N LYS A 152 13.03 -12.32 12.19
CA LYS A 152 14.31 -13.03 12.05
C LYS A 152 15.49 -12.06 12.08
N GLY A 153 15.45 -11.12 13.01
CA GLY A 153 16.56 -10.21 13.22
C GLY A 153 16.89 -9.30 12.06
N LYS A 154 15.93 -9.00 11.18
CA LYS A 154 16.22 -8.20 10.01
C LYS A 154 15.83 -6.72 10.16
N ILE A 155 15.15 -6.34 11.25
CA ILE A 155 14.96 -4.94 11.64
C ILE A 155 15.93 -4.61 12.78
N ALA A 156 16.35 -3.35 12.84
CA ALA A 156 17.21 -2.86 13.92
C ALA A 156 16.43 -2.66 15.21
N ARG A 157 17.17 -2.74 16.33
CA ARG A 157 16.56 -2.58 17.64
C ARG A 157 16.40 -1.10 17.96
N SER A 158 15.26 -0.75 18.54
CA SER A 158 15.08 0.62 19.00
C SER A 158 16.07 0.92 20.14
N THR A 159 16.71 2.09 20.05
CA THR A 159 17.45 2.68 21.18
C THR A 159 16.53 3.47 22.09
N ARG A 160 15.33 3.78 21.63
CA ARG A 160 14.44 4.69 22.33
C ARG A 160 13.70 3.96 23.42
N GLU A 161 13.63 4.55 24.60
CA GLU A 161 12.83 3.98 25.68
C GLU A 161 11.40 4.47 25.51
N MET A 162 10.45 3.57 25.79
CA MET A 162 9.05 3.90 25.64
C MET A 162 8.63 4.95 26.67
N PRO A 163 7.59 5.72 26.40
CA PRO A 163 7.29 6.89 27.23
C PRO A 163 6.74 6.48 28.59
N SER A 164 6.89 7.40 29.54
CA SER A 164 6.47 7.13 30.91
C SER A 164 4.96 6.91 31.00
N ALA A 165 4.18 7.64 30.22
CA ALA A 165 2.72 7.56 30.35
C ALA A 165 2.10 6.74 29.22
N LEU A 166 2.39 5.44 29.24
CA LEU A 166 1.93 4.52 28.20
C LEU A 166 0.72 3.76 28.72
N SER A 167 -0.43 3.93 28.07
CA SER A 167 -1.62 3.17 28.40
C SER A 167 -1.73 1.99 27.46
N ILE A 168 -2.01 2.29 26.18
CA ILE A 168 -2.06 1.32 25.10
C ILE A 168 -1.12 1.79 23.99
N LEU A 169 -0.04 1.03 23.76
CA LEU A 169 0.79 1.24 22.59
C LEU A 169 0.48 0.17 21.54
N LEU A 170 0.56 0.56 20.27
CA LEU A 170 0.38 -0.37 19.14
C LEU A 170 1.67 -0.42 18.33
N LEU A 171 2.19 -1.62 18.11
CA LEU A 171 3.42 -1.80 17.33
C LEU A 171 3.13 -2.64 16.09
N GLY A 172 3.44 -2.09 14.91
CA GLY A 172 3.46 -2.85 13.68
C GLY A 172 4.85 -2.87 13.05
N VAL A 173 5.43 -4.05 12.86
CA VAL A 173 6.69 -4.18 12.15
C VAL A 173 6.43 -4.96 10.86
N ALA A 174 7.28 -4.71 9.86
CA ALA A 174 7.22 -5.49 8.63
C ALA A 174 8.56 -5.46 7.92
N TYR A 175 8.90 -6.57 7.28
CA TYR A 175 10.11 -6.67 6.49
C TYR A 175 9.86 -7.41 5.18
N PHE A 176 10.45 -6.90 4.10
CA PHE A 176 10.35 -7.54 2.79
C PHE A 176 11.70 -7.52 2.10
N LYS A 177 12.17 -8.70 1.68
CA LYS A 177 13.24 -8.83 0.68
C LYS A 177 12.81 -9.91 -0.30
N GLY A 178 12.25 -9.49 -1.44
CA GLY A 178 11.64 -10.41 -2.37
C GLY A 178 12.61 -10.98 -3.39
N GLN A 179 12.04 -11.69 -4.36
CA GLN A 179 12.78 -12.30 -5.45
C GLN A 179 12.07 -11.93 -6.75
N TRP A 180 12.79 -11.27 -7.65
CA TRP A 180 12.23 -11.02 -8.98
C TRP A 180 11.87 -12.34 -9.64
N VAL A 181 10.86 -12.31 -10.52
CA VAL A 181 10.60 -13.48 -11.35
C VAL A 181 11.74 -13.67 -12.34
N THR A 182 12.12 -12.61 -13.05
CA THR A 182 13.27 -12.62 -13.93
C THR A 182 14.41 -11.89 -13.25
N LYS A 183 15.50 -12.62 -12.97
CA LYS A 183 16.71 -12.02 -12.42
C LYS A 183 17.09 -10.75 -13.16
N PHE A 184 17.82 -9.87 -12.47
CA PHE A 184 18.63 -8.86 -13.12
C PHE A 184 20.05 -9.39 -13.18
N ASP A 185 20.74 -9.06 -14.27
CA ASP A 185 22.13 -9.49 -14.40
C ASP A 185 23.01 -8.52 -13.63
N SER A 186 23.69 -9.05 -12.60
CA SER A 186 24.59 -8.24 -11.79
C SER A 186 25.65 -7.55 -12.63
N ARG A 187 26.13 -8.22 -13.68
CA ARG A 187 27.25 -7.69 -14.47
C ARG A 187 26.88 -6.40 -15.19
N LYS A 188 25.60 -6.10 -15.34
CA LYS A 188 25.19 -4.85 -15.97
C LYS A 188 24.67 -3.83 -14.97
N THR A 189 24.67 -4.15 -13.68
CA THR A 189 24.41 -3.13 -12.67
C THR A 189 25.59 -2.16 -12.65
N THR A 190 25.34 -0.91 -12.98
CA THR A 190 26.36 0.12 -13.04
C THR A 190 25.95 1.29 -12.17
N LEU A 191 26.92 2.12 -11.81
CA LEU A 191 26.59 3.37 -11.17
C LEU A 191 26.17 4.37 -12.25
N GLN A 192 25.04 5.02 -12.03
CA GLN A 192 24.53 6.01 -12.99
C GLN A 192 23.79 7.10 -12.24
N ASP A 193 23.56 8.20 -12.94
CA ASP A 193 22.89 9.36 -12.34
C ASP A 193 21.46 9.03 -11.92
N PHE A 194 21.05 9.63 -10.81
CA PHE A 194 19.65 9.71 -10.43
C PHE A 194 19.37 11.18 -10.16
N HIS A 195 18.32 11.72 -10.77
CA HIS A 195 18.07 13.15 -10.73
C HIS A 195 17.14 13.47 -9.57
N LEU A 196 17.70 14.01 -8.49
CA LEU A 196 16.86 14.45 -7.38
C LEU A 196 15.85 15.50 -7.84
N ASP A 197 16.26 16.39 -8.73
CA ASP A 197 15.34 17.28 -9.43
C ASP A 197 15.98 17.64 -10.78
N GLU A 198 15.51 18.73 -11.39
CA GLU A 198 16.02 19.12 -12.70
C GLU A 198 17.48 19.53 -12.64
N ASP A 199 17.88 20.21 -11.57
CA ASP A 199 19.27 20.66 -11.42
C ASP A 199 20.11 19.60 -10.72
N ARG A 200 19.74 19.22 -9.50
CA ARG A 200 20.59 18.35 -8.70
C ARG A 200 20.54 16.92 -9.21
N THR A 201 21.66 16.21 -9.00
CA THR A 201 21.84 14.85 -9.47
C THR A 201 22.70 14.10 -8.44
N VAL A 202 22.51 12.79 -8.39
CA VAL A 202 23.34 11.89 -7.58
C VAL A 202 23.58 10.62 -8.39
N ARG A 203 24.72 9.97 -8.14
CA ARG A 203 25.01 8.68 -8.75
C ARG A 203 24.59 7.58 -7.78
N VAL A 204 23.70 6.70 -8.23
CA VAL A 204 23.27 5.56 -7.43
C VAL A 204 23.42 4.31 -8.27
N PRO A 205 23.62 3.13 -7.67
CA PRO A 205 23.79 1.91 -8.46
C PRO A 205 22.45 1.39 -8.98
N MET A 206 22.31 1.33 -10.31
CA MET A 206 21.07 0.98 -10.96
C MET A 206 21.22 -0.35 -11.69
N MET A 207 20.36 -1.30 -11.36
CA MET A 207 20.31 -2.56 -12.08
C MET A 207 19.79 -2.32 -13.49
N SER A 208 19.95 -3.31 -14.36
CA SER A 208 19.58 -3.05 -15.74
C SER A 208 19.12 -4.30 -16.45
N ASP A 209 18.15 -4.11 -17.36
CA ASP A 209 17.65 -5.17 -18.22
C ASP A 209 17.21 -4.54 -19.53
N PRO A 210 18.14 -4.34 -20.46
CA PRO A 210 17.85 -3.51 -21.65
C PRO A 210 16.82 -4.12 -22.59
N LYS A 211 16.57 -5.43 -22.50
CA LYS A 211 15.46 -6.02 -23.22
C LYS A 211 14.51 -6.68 -22.24
N ALA A 212 13.94 -5.89 -21.32
CA ALA A 212 13.09 -6.43 -20.27
C ALA A 212 11.65 -6.61 -20.76
N ILE A 213 10.91 -7.46 -20.05
CA ILE A 213 9.52 -7.72 -20.38
C ILE A 213 8.66 -7.41 -19.15
N LEU A 214 7.62 -6.62 -19.36
CA LEU A 214 6.85 -6.06 -18.26
C LEU A 214 5.49 -5.60 -18.78
N ARG A 215 4.57 -5.32 -17.87
CA ARG A 215 3.26 -4.78 -18.21
C ARG A 215 3.31 -3.26 -18.06
N TYR A 216 2.83 -2.56 -19.08
CA TYR A 216 3.05 -1.13 -19.17
C TYR A 216 1.73 -0.42 -19.43
N GLY A 217 1.70 0.86 -19.07
CA GLY A 217 0.58 1.74 -19.27
C GLY A 217 0.95 3.19 -19.03
N LEU A 218 0.77 4.02 -20.03
CA LEU A 218 1.03 5.44 -19.90
C LEU A 218 -0.28 6.13 -19.52
N ASP A 219 -0.28 6.79 -18.37
CA ASP A 219 -1.47 7.49 -17.90
C ASP A 219 -1.34 8.96 -18.27
N SER A 220 -2.19 9.42 -19.17
CA SER A 220 -1.98 10.76 -19.71
C SER A 220 -2.52 11.84 -18.79
N ASP A 221 -3.54 11.54 -17.98
CA ASP A 221 -4.07 12.56 -17.08
C ASP A 221 -3.21 12.74 -15.83
N LEU A 222 -2.67 11.66 -15.25
CA LEU A 222 -1.75 11.83 -14.13
C LEU A 222 -0.31 12.08 -14.57
N ASN A 223 -0.06 12.14 -15.88
CA ASN A 223 1.26 12.50 -16.42
C ASN A 223 2.36 11.58 -15.93
N CYS A 224 2.10 10.27 -15.92
CA CYS A 224 3.11 9.30 -15.55
C CYS A 224 2.95 8.03 -16.35
N LYS A 225 4.04 7.28 -16.44
CA LYS A 225 4.04 5.96 -17.02
C LYS A 225 4.19 4.93 -15.91
N ILE A 226 3.47 3.83 -16.03
CA ILE A 226 3.32 2.83 -14.99
C ILE A 226 3.79 1.50 -15.55
N ALA A 227 4.72 0.85 -14.86
CA ALA A 227 5.18 -0.47 -15.25
C ALA A 227 5.01 -1.39 -14.05
N GLN A 228 4.81 -2.68 -14.33
CA GLN A 228 4.57 -3.67 -13.30
C GLN A 228 5.57 -4.81 -13.47
N LEU A 229 6.33 -5.09 -12.42
CA LEU A 229 7.31 -6.16 -12.40
C LEU A 229 6.85 -7.29 -11.49
N PRO A 230 6.97 -8.54 -11.94
CA PRO A 230 6.48 -9.66 -11.13
C PRO A 230 7.52 -10.19 -10.16
N LEU A 231 7.04 -10.54 -8.96
CA LEU A 231 7.81 -11.08 -7.85
C LEU A 231 7.40 -12.51 -7.57
N THR A 232 8.37 -13.34 -7.17
CA THR A 232 8.14 -14.71 -6.68
C THR A 232 6.94 -14.78 -5.72
N GLY A 233 6.37 -15.97 -5.52
CA GLY A 233 5.29 -16.07 -4.56
C GLY A 233 4.06 -15.27 -4.91
N SER A 234 3.91 -14.89 -6.18
CA SER A 234 2.69 -14.29 -6.72
C SER A 234 2.46 -12.90 -6.14
N MET A 235 3.47 -12.06 -6.24
CA MET A 235 3.39 -10.64 -5.88
C MET A 235 3.93 -9.82 -7.03
N SER A 236 3.83 -8.50 -6.88
CA SER A 236 4.35 -7.62 -7.92
C SER A 236 4.54 -6.22 -7.35
N ILE A 237 5.55 -5.53 -7.88
CA ILE A 237 5.76 -4.11 -7.63
C ILE A 237 5.26 -3.31 -8.84
N ILE A 238 4.41 -2.31 -8.57
CA ILE A 238 3.88 -1.40 -9.59
C ILE A 238 4.53 -0.05 -9.39
N PHE A 239 5.29 0.40 -10.38
CA PHE A 239 6.01 1.67 -10.24
C PHE A 239 5.21 2.77 -10.89
N PHE A 240 5.35 3.99 -10.35
CA PHE A 240 4.72 5.16 -10.93
C PHE A 240 5.83 6.15 -11.27
N LEU A 241 5.98 6.43 -12.56
CA LEU A 241 7.13 7.19 -13.08
C LEU A 241 6.65 8.42 -13.83
N PRO A 242 6.69 9.60 -13.23
CA PRO A 242 6.20 10.79 -13.94
C PRO A 242 6.99 11.05 -15.21
N LEU A 243 6.36 11.81 -16.12
CA LEU A 243 7.01 12.16 -17.37
C LEU A 243 8.10 13.20 -17.13
N THR A 244 7.73 14.34 -16.57
CA THR A 244 8.73 15.32 -16.17
C THR A 244 9.54 14.77 -15.02
N VAL A 245 10.72 15.36 -14.80
CA VAL A 245 11.53 15.07 -13.62
C VAL A 245 11.05 16.03 -12.53
N THR A 246 10.22 15.51 -11.62
CA THR A 246 9.61 16.33 -10.58
C THR A 246 9.39 15.49 -9.33
N GLN A 247 9.65 16.09 -8.18
CA GLN A 247 9.30 15.51 -6.89
C GLN A 247 7.84 15.70 -6.54
N ASN A 248 7.08 16.42 -7.39
CA ASN A 248 5.64 16.59 -7.19
C ASN A 248 4.97 15.33 -7.69
N LEU A 249 4.60 14.46 -6.76
CA LEU A 249 3.87 13.25 -7.07
C LEU A 249 2.42 13.36 -6.61
N THR A 250 1.95 14.58 -6.32
CA THR A 250 0.70 14.76 -5.59
C THR A 250 -0.51 14.19 -6.32
N MET A 251 -0.53 14.19 -7.65
CA MET A 251 -1.72 13.71 -8.32
C MET A 251 -1.78 12.18 -8.36
N ILE A 252 -0.62 11.53 -8.50
CA ILE A 252 -0.54 10.09 -8.32
C ILE A 252 -1.01 9.70 -6.92
N GLU A 253 -0.43 10.34 -5.90
CA GLU A 253 -0.68 9.98 -4.52
C GLU A 253 -2.13 10.24 -4.14
N GLU A 254 -2.72 11.32 -4.67
CA GLU A 254 -4.12 11.59 -4.40
C GLU A 254 -5.05 10.56 -5.01
N SER A 255 -4.56 9.70 -5.91
CA SER A 255 -5.43 8.76 -6.59
C SER A 255 -5.27 7.32 -6.13
N LEU A 256 -4.26 7.03 -5.29
CA LEU A 256 -4.04 5.64 -4.89
C LEU A 256 -5.19 5.16 -4.02
N THR A 257 -5.86 4.11 -4.50
CA THR A 257 -6.79 3.28 -3.74
C THR A 257 -6.57 1.85 -4.21
N SER A 258 -7.20 0.90 -3.52
CA SER A 258 -7.09 -0.49 -3.98
C SER A 258 -7.83 -0.71 -5.31
N GLU A 259 -8.93 0.03 -5.55
CA GLU A 259 -9.71 -0.11 -6.78
C GLU A 259 -9.04 0.54 -7.98
N PHE A 260 -8.33 1.65 -7.73
CA PHE A 260 -7.50 2.29 -8.75
C PHE A 260 -6.30 1.41 -9.08
N ILE A 261 -5.61 0.90 -8.07
CA ILE A 261 -4.51 -0.04 -8.30
C ILE A 261 -5.00 -1.28 -9.04
N HIS A 262 -6.22 -1.75 -8.74
CA HIS A 262 -6.72 -2.97 -9.35
C HIS A 262 -7.06 -2.75 -10.83
N ASP A 263 -7.64 -1.58 -11.17
CA ASP A 263 -7.92 -1.28 -12.58
C ASP A 263 -6.64 -1.10 -13.38
N ILE A 264 -5.59 -0.55 -12.76
CA ILE A 264 -4.28 -0.52 -13.41
C ILE A 264 -3.83 -1.94 -13.75
N ASP A 265 -3.90 -2.83 -12.78
CA ASP A 265 -3.47 -4.20 -13.01
C ASP A 265 -4.31 -4.88 -14.08
N ARG A 266 -5.57 -4.45 -14.22
CA ARG A 266 -6.40 -5.03 -15.27
C ARG A 266 -5.96 -4.54 -16.65
N GLU A 267 -5.62 -3.25 -16.76
CA GLU A 267 -5.44 -2.60 -18.05
C GLU A 267 -4.00 -2.47 -18.48
N LEU A 268 -3.02 -2.87 -17.66
CA LEU A 268 -1.63 -2.77 -18.10
C LEU A 268 -1.41 -3.75 -19.26
N LYS A 269 -0.59 -3.35 -20.22
CA LYS A 269 -0.33 -4.17 -21.40
C LYS A 269 1.12 -4.64 -21.38
N THR A 270 1.32 -5.89 -21.80
CA THR A 270 2.65 -6.49 -21.87
C THR A 270 3.44 -5.92 -23.04
N ILE A 271 4.68 -5.49 -22.77
CA ILE A 271 5.55 -4.87 -23.77
C ILE A 271 6.97 -5.33 -23.50
N GLN A 272 7.87 -4.96 -24.42
CA GLN A 272 9.31 -5.02 -24.20
C GLN A 272 9.79 -3.64 -23.83
N ALA A 273 10.73 -3.56 -22.90
CA ALA A 273 11.17 -2.25 -22.49
C ALA A 273 12.65 -2.26 -22.09
N VAL A 274 13.29 -1.12 -22.30
CA VAL A 274 14.61 -0.82 -21.75
C VAL A 274 14.39 -0.36 -20.31
N LEU A 275 14.65 -1.25 -19.35
CA LEU A 275 14.29 -1.02 -17.95
C LEU A 275 15.53 -0.84 -17.09
N THR A 276 15.57 0.26 -16.34
CA THR A 276 16.59 0.45 -15.31
C THR A 276 15.92 0.75 -13.98
N VAL A 277 16.24 -0.07 -12.96
CA VAL A 277 15.72 0.10 -11.61
C VAL A 277 16.92 0.24 -10.65
N PRO A 278 16.94 1.25 -9.79
CA PRO A 278 18.04 1.35 -8.83
C PRO A 278 17.89 0.32 -7.72
N LYS A 279 19.01 0.01 -7.08
CA LYS A 279 18.95 -0.83 -5.89
C LYS A 279 18.26 -0.05 -4.77
N LEU A 280 17.48 -0.75 -3.96
CA LEU A 280 16.72 -0.11 -2.90
C LEU A 280 16.92 -0.88 -1.60
N LYS A 281 17.33 -0.16 -0.55
CA LYS A 281 17.49 -0.70 0.80
C LYS A 281 17.13 0.42 1.77
N LEU A 282 16.04 0.27 2.50
CA LEU A 282 15.65 1.35 3.40
C LEU A 282 15.08 0.80 4.69
N SER A 283 15.05 1.68 5.69
CA SER A 283 14.51 1.39 7.00
C SER A 283 13.63 2.56 7.41
N PHE A 284 12.76 2.29 8.37
CA PHE A 284 11.98 3.32 9.03
C PHE A 284 11.75 2.88 10.46
N GLU A 285 12.01 3.79 11.39
CA GLU A 285 11.55 3.61 12.77
C GLU A 285 10.94 4.93 13.19
N GLY A 286 9.68 4.88 13.60
CA GLY A 286 8.94 6.11 13.77
C GLY A 286 7.60 5.93 14.42
N GLU A 287 7.10 6.99 15.04
CA GLU A 287 5.76 6.97 15.70
C GLU A 287 4.73 7.59 14.75
N LEU A 288 3.71 6.82 14.35
CA LEU A 288 2.67 7.29 13.45
C LEU A 288 1.47 7.85 14.18
N THR A 289 1.63 8.21 15.45
CA THR A 289 0.50 8.58 16.31
C THR A 289 -0.30 9.76 15.75
N LYS A 290 0.39 10.81 15.30
CA LYS A 290 -0.33 12.02 14.88
C LYS A 290 -1.04 11.81 13.55
N SER A 291 -0.43 11.07 12.63
CA SER A 291 -1.10 10.79 11.36
C SER A 291 -2.41 10.02 11.60
N LEU A 292 -2.42 9.13 12.58
CA LEU A 292 -3.67 8.44 12.91
C LEU A 292 -4.69 9.39 13.52
N GLN A 293 -4.25 10.37 14.30
CA GLN A 293 -5.17 11.28 14.97
C GLN A 293 -6.04 12.05 13.98
N ASP A 294 -5.41 12.64 12.97
CA ASP A 294 -6.18 13.33 11.93
C ASP A 294 -6.63 12.38 10.82
N MET A 295 -6.61 11.08 11.09
CA MET A 295 -7.37 10.10 10.32
C MET A 295 -8.75 9.86 10.95
N LYS A 296 -9.39 10.91 11.45
CA LYS A 296 -10.65 10.83 12.21
C LYS A 296 -10.63 9.70 13.24
N LEU A 297 -9.49 9.63 13.95
CA LEU A 297 -9.25 8.62 14.97
C LEU A 297 -8.79 9.26 16.29
N GLN A 298 -9.07 10.54 16.49
CA GLN A 298 -8.54 11.20 17.68
C GLN A 298 -9.30 10.78 18.94
N SER A 299 -10.55 10.31 18.77
CA SER A 299 -11.33 9.90 19.93
C SER A 299 -10.68 8.73 20.66
N LEU A 300 -9.91 7.90 19.95
CA LEU A 300 -9.20 6.80 20.58
C LEU A 300 -8.20 7.28 21.62
N PHE A 301 -7.90 8.58 21.65
CA PHE A 301 -6.87 9.17 22.49
C PHE A 301 -7.46 9.98 23.65
N GLU A 302 -8.77 9.91 23.87
CA GLU A 302 -9.44 10.69 24.90
C GLU A 302 -10.73 9.98 25.30
N SER A 303 -10.75 9.42 26.51
CA SER A 303 -11.83 8.60 27.06
C SER A 303 -12.47 7.67 26.03
N PRO A 304 -11.73 6.68 25.51
CA PRO A 304 -12.36 5.62 24.70
C PRO A 304 -13.02 4.57 25.57
N ASP A 305 -13.79 3.70 24.92
CA ASP A 305 -14.61 2.69 25.60
C ASP A 305 -14.08 1.30 25.23
N PHE A 306 -12.98 0.91 25.84
CA PHE A 306 -12.42 -0.44 25.69
C PHE A 306 -12.81 -1.36 26.84
N SER A 307 -14.09 -1.35 27.18
CA SER A 307 -14.61 -2.13 28.30
C SER A 307 -14.43 -3.63 28.10
N LYS A 308 -14.36 -4.10 26.86
CA LYS A 308 -14.16 -5.52 26.67
C LYS A 308 -12.71 -5.92 26.88
N ILE A 309 -11.82 -4.96 27.10
CA ILE A 309 -10.43 -5.24 27.45
C ILE A 309 -10.28 -5.33 28.96
N THR A 310 -10.89 -4.38 29.67
CA THR A 310 -10.62 -4.14 31.08
C THR A 310 -11.59 -3.08 31.57
N GLY A 311 -11.84 -3.09 32.88
CA GLY A 311 -12.62 -2.06 33.52
C GLY A 311 -11.87 -0.79 33.80
N LYS A 312 -10.53 -0.84 33.74
CA LYS A 312 -9.73 0.37 33.92
C LYS A 312 -9.92 1.30 32.74
N PRO A 313 -10.16 2.61 32.97
CA PRO A 313 -10.22 3.56 31.85
C PRO A 313 -8.91 3.66 31.09
N VAL A 314 -8.76 2.88 30.02
CA VAL A 314 -7.54 2.93 29.22
C VAL A 314 -7.80 3.72 27.95
N LYS A 315 -6.76 3.85 27.14
CA LYS A 315 -6.71 4.89 26.13
C LYS A 315 -5.55 4.58 25.19
N LEU A 316 -5.76 4.78 23.89
CA LEU A 316 -4.66 4.67 22.93
C LEU A 316 -3.70 5.83 23.13
N THR A 317 -2.41 5.52 23.34
CA THR A 317 -1.42 6.58 23.55
C THR A 317 -0.30 6.62 22.51
N GLN A 318 0.14 5.47 21.99
CA GLN A 318 1.19 5.45 20.98
C GLN A 318 0.90 4.43 19.89
N VAL A 319 1.44 4.71 18.70
CA VAL A 319 1.40 3.79 17.56
C VAL A 319 2.80 3.82 16.91
N GLU A 320 3.53 2.72 17.03
CA GLU A 320 4.91 2.67 16.56
C GLU A 320 5.00 1.75 15.35
N HIS A 321 5.81 2.15 14.36
CA HIS A 321 6.02 1.36 13.16
C HIS A 321 7.51 1.29 12.86
N ARG A 322 8.02 0.07 12.69
CA ARG A 322 9.28 -0.16 12.02
C ARG A 322 9.03 -0.90 10.72
N ALA A 323 9.94 -0.72 9.77
CA ALA A 323 9.86 -1.34 8.46
C ALA A 323 11.24 -1.29 7.84
N ALA A 324 11.61 -2.39 7.21
CA ALA A 324 12.80 -2.47 6.39
C ALA A 324 12.45 -3.13 5.07
N PHE A 325 13.12 -2.71 4.02
CA PHE A 325 12.72 -3.06 2.67
C PHE A 325 13.93 -3.08 1.75
N GLU A 326 14.02 -4.11 0.91
CA GLU A 326 15.17 -4.25 0.03
C GLU A 326 14.77 -4.93 -1.28
N TRP A 327 15.43 -4.52 -2.37
CA TRP A 327 15.52 -5.36 -3.56
C TRP A 327 16.89 -5.21 -4.20
N ASN A 328 17.26 -6.24 -4.94
CA ASN A 328 18.53 -6.34 -5.63
C ASN A 328 18.31 -7.14 -6.91
N GLU A 329 19.41 -7.48 -7.59
CA GLU A 329 19.33 -8.19 -8.86
C GLU A 329 18.71 -9.58 -8.73
N GLU A 330 18.74 -10.19 -7.53
CA GLU A 330 18.34 -11.58 -7.37
C GLU A 330 16.94 -11.85 -7.91
N GLY A 331 16.78 -13.02 -8.52
CA GLY A 331 15.50 -13.46 -9.03
C GLY A 331 15.53 -14.95 -9.28
N ALA A 332 14.51 -15.44 -9.97
CA ALA A 332 14.42 -16.88 -10.23
C ALA A 332 15.29 -17.31 -11.39
N GLY A 333 15.36 -16.50 -12.46
CA GLY A 333 16.15 -16.89 -13.62
C GLY A 333 16.15 -15.90 -14.77
N SER A 334 15.87 -16.39 -15.99
CA SER A 334 15.88 -15.56 -17.20
C SER A 334 14.66 -15.90 -18.03
N SER A 335 13.60 -15.10 -17.87
CA SER A 335 12.32 -15.37 -18.52
C SER A 335 11.76 -14.14 -19.22
N PHE A 344 10.39 -2.98 -31.43
CA PHE A 344 11.13 -1.97 -30.67
C PHE A 344 10.76 -2.00 -29.17
N PRO A 345 11.74 -1.75 -28.30
CA PRO A 345 11.45 -1.59 -26.87
C PRO A 345 11.16 -0.15 -26.47
N LEU A 346 10.50 -0.01 -25.33
CA LEU A 346 10.16 1.27 -24.75
C LEU A 346 11.11 1.63 -23.60
N ASP A 347 11.23 2.92 -23.34
CA ASP A 347 12.06 3.41 -22.24
C ASP A 347 11.31 3.32 -20.91
N TYR A 348 11.92 2.68 -19.91
CA TYR A 348 11.45 2.81 -18.51
C TYR A 348 12.68 2.95 -17.59
N HIS A 349 13.05 4.19 -17.32
CA HIS A 349 14.21 4.54 -16.50
C HIS A 349 13.74 5.15 -15.19
N LEU A 350 13.95 4.42 -14.10
CA LEU A 350 13.63 4.95 -12.77
C LEU A 350 14.82 5.69 -12.19
N ASN A 351 15.21 6.77 -12.86
CA ASN A 351 16.28 7.67 -12.43
C ASN A 351 15.73 9.04 -12.06
N GLN A 352 14.54 9.08 -11.47
CA GLN A 352 13.85 10.27 -11.03
C GLN A 352 12.89 9.87 -9.93
N PRO A 353 12.37 10.83 -9.16
CA PRO A 353 11.35 10.53 -8.14
C PRO A 353 10.22 9.64 -8.68
N PHE A 354 9.89 8.58 -7.93
CA PHE A 354 8.86 7.63 -8.33
C PHE A 354 8.25 6.97 -7.10
N LEU A 355 6.97 6.63 -7.22
CA LEU A 355 6.28 5.78 -6.26
C LEU A 355 6.37 4.32 -6.67
N PHE A 356 6.48 3.44 -5.69
CA PHE A 356 6.30 2.02 -5.94
C PHE A 356 5.33 1.46 -4.91
N VAL A 357 4.66 0.37 -5.29
CA VAL A 357 3.69 -0.31 -4.44
C VAL A 357 3.93 -1.80 -4.61
N LEU A 358 4.02 -2.53 -3.52
CA LEU A 358 4.18 -3.97 -3.56
C LEU A 358 2.83 -4.59 -3.27
N ARG A 359 2.30 -5.33 -4.25
CA ARG A 359 0.95 -5.86 -4.18
C ARG A 359 0.98 -7.38 -4.20
N ASP A 360 0.14 -8.00 -3.38
CA ASP A 360 -0.09 -9.43 -3.40
C ASP A 360 -1.11 -9.76 -4.49
N THR A 361 -0.71 -10.59 -5.47
CA THR A 361 -1.60 -10.79 -6.61
C THR A 361 -2.87 -11.53 -6.19
N ASP A 362 -2.76 -12.46 -5.25
CA ASP A 362 -3.91 -13.30 -4.90
C ASP A 362 -5.02 -12.51 -4.21
N THR A 363 -4.67 -11.67 -3.24
CA THR A 363 -5.68 -10.92 -2.51
C THR A 363 -5.74 -9.45 -2.92
N GLY A 364 -4.73 -8.97 -3.64
CA GLY A 364 -4.63 -7.54 -3.90
C GLY A 364 -4.21 -6.71 -2.72
N ALA A 365 -3.69 -7.31 -1.65
CA ALA A 365 -3.33 -6.55 -0.48
C ALA A 365 -2.12 -5.65 -0.74
N LEU A 366 -2.17 -4.45 -0.18
CA LEU A 366 -1.01 -3.58 -0.11
C LEU A 366 -0.05 -4.15 0.94
N LEU A 367 1.14 -4.56 0.52
CA LEU A 367 2.14 -5.09 1.44
C LEU A 367 3.23 -4.09 1.82
N PHE A 368 3.66 -3.24 0.89
CA PHE A 368 4.60 -2.17 1.17
C PHE A 368 4.27 -1.03 0.20
N ILE A 369 4.65 0.20 0.59
CA ILE A 369 4.52 1.35 -0.30
C ILE A 369 5.70 2.29 -0.07
N GLY A 370 6.23 2.83 -1.17
CA GLY A 370 7.41 3.69 -1.10
C GLY A 370 7.39 4.92 -1.98
N ARG A 371 7.99 6.00 -1.49
CA ARG A 371 8.14 7.24 -2.26
C ARG A 371 9.62 7.53 -2.33
N ILE A 372 10.25 7.22 -3.45
CA ILE A 372 11.71 7.28 -3.56
C ILE A 372 12.06 8.60 -4.25
N LEU A 373 12.30 9.63 -3.43
CA LEU A 373 12.90 10.86 -3.92
C LEU A 373 14.41 10.78 -4.03
N ASP A 374 15.01 9.66 -3.59
CA ASP A 374 16.46 9.56 -3.39
C ASP A 374 16.85 8.17 -2.89
N PRO A 375 17.31 7.29 -3.77
CA PRO A 375 17.80 5.99 -3.30
C PRO A 375 19.22 6.08 -2.78
N SER A 376 19.62 7.26 -2.29
CA SER A 376 20.88 7.45 -1.55
C SER A 376 20.63 7.53 -0.04
N SER A 377 19.86 8.52 0.41
CA SER A 377 19.44 8.68 1.81
C SER A 377 20.60 8.52 2.82
N GLY B 5 -34.64 10.54 10.20
CA GLY B 5 -34.41 9.19 9.75
C GLY B 5 -32.96 8.92 9.38
N PRO B 6 -32.65 7.64 9.04
CA PRO B 6 -31.29 7.20 8.70
C PRO B 6 -30.79 7.70 7.34
N HYP B 7 -29.50 8.07 7.25
CA HYP B 7 -28.86 8.47 5.87
C HYP B 7 -29.08 7.54 4.91
O HYP B 7 -28.87 6.34 5.14
CB HYP B 7 -27.34 8.70 6.18
CG HYP B 7 -27.24 8.72 7.46
CD HYP B 7 -28.63 8.36 8.13
OD1 HYP B 7 -26.79 10.07 7.87
N GLY B 8 -29.54 7.99 3.74
CA GLY B 8 -29.75 7.08 2.62
C GLY B 8 -28.47 6.39 2.20
N PRO B 9 -28.60 5.37 1.33
CA PRO B 9 -27.43 4.62 0.85
C PRO B 9 -26.52 5.46 -0.06
N HYP B 10 -25.30 4.99 -0.30
CA HYP B 10 -24.40 5.66 -1.40
C HYP B 10 -24.97 5.49 -2.63
O HYP B 10 -25.79 4.56 -2.84
CB HYP B 10 -22.99 5.01 -1.21
CG HYP B 10 -23.02 4.43 -0.06
CD HYP B 10 -24.48 4.51 0.55
OD1 HYP B 10 -22.04 5.08 0.86
N GLY B 11 -24.63 6.37 -3.57
CA GLY B 11 -25.23 6.30 -4.89
C GLY B 11 -24.69 5.19 -5.76
N PRO B 12 -25.24 5.04 -6.97
CA PRO B 12 -24.73 4.01 -7.88
C PRO B 12 -23.32 4.34 -8.36
N HYP B 13 -22.61 3.37 -8.92
CA HYP B 13 -21.14 3.64 -9.42
C HYP B 13 -21.11 4.62 -10.37
O HYP B 13 -22.07 4.79 -11.13
CB HYP B 13 -20.62 2.24 -9.87
CG HYP B 13 -21.38 1.43 -9.21
CD HYP B 13 -22.80 2.13 -9.17
OD1 HYP B 13 -20.87 1.24 -7.83
N GLY B 14 -20.02 5.37 -10.44
CA GLY B 14 -19.84 6.32 -11.51
C GLY B 14 -19.64 5.62 -12.85
N LEU B 15 -19.85 6.35 -13.94
CA LEU B 15 -19.67 5.76 -15.26
C LEU B 15 -18.20 5.48 -15.54
N LYS B 16 -17.97 4.52 -16.44
CA LYS B 16 -16.62 4.18 -16.87
C LYS B 16 -15.88 5.43 -17.32
N GLY B 17 -14.57 5.41 -17.17
CA GLY B 17 -13.77 6.58 -17.48
C GLY B 17 -13.59 6.74 -18.96
N HIS B 18 -13.07 7.89 -19.35
CA HIS B 18 -12.97 8.21 -20.78
C HIS B 18 -11.93 7.33 -21.46
N ASN B 19 -12.11 7.18 -22.78
CA ASN B 19 -11.19 6.41 -23.61
C ASN B 19 -9.77 6.95 -23.50
N GLY B 20 -8.80 6.04 -23.49
CA GLY B 20 -7.42 6.46 -23.57
C GLY B 20 -7.15 7.19 -24.87
N LEU B 21 -6.24 8.15 -24.81
CA LEU B 21 -5.77 8.85 -26.00
C LEU B 21 -5.08 7.86 -26.92
N HYP B 22 -5.14 8.12 -28.23
CA HYP B 22 -4.34 7.28 -29.28
C HYP B 22 -3.00 7.31 -29.02
O HYP B 22 -2.46 8.36 -28.60
CB HYP B 22 -4.73 7.89 -30.67
CG HYP B 22 -5.71 8.67 -30.41
CD HYP B 22 -5.62 9.10 -28.89
OD1 HYP B 22 -6.98 7.92 -30.61
N GLY B 23 -2.33 6.19 -29.26
CA GLY B 23 -0.90 6.11 -29.08
C GLY B 23 -0.10 7.04 -29.97
N PRO B 24 1.19 7.23 -29.64
CA PRO B 24 2.11 8.00 -30.46
C PRO B 24 2.46 7.23 -31.73
N HYP B 25 2.98 7.91 -32.74
CA HYP B 25 3.34 7.18 -34.09
C HYP B 25 4.51 6.51 -33.96
O HYP B 25 5.32 6.82 -33.05
CB HYP B 25 3.29 8.33 -35.15
CG HYP B 25 2.90 9.37 -34.51
CD HYP B 25 3.17 9.14 -32.97
OD1 HYP B 25 1.44 9.62 -34.70
N GLY B 26 4.75 5.53 -34.82
CA GLY B 26 5.90 4.65 -34.66
C GLY B 26 7.26 5.31 -34.83
N PRO B 27 8.33 4.54 -34.58
CA PRO B 27 9.67 4.98 -34.97
C PRO B 27 9.79 5.08 -36.49
N HYP B 28 10.78 5.80 -36.98
CA HYP B 28 11.05 5.86 -38.53
C HYP B 28 11.44 4.62 -38.99
O HYP B 28 12.13 3.88 -38.25
CB HYP B 28 12.08 7.01 -38.72
CG HYP B 28 12.17 7.60 -37.58
CD HYP B 28 11.59 6.64 -36.45
OD1 HYP B 28 11.41 8.89 -37.58
N GLY B 29 11.03 4.25 -40.20
CA GLY B 29 11.34 2.94 -40.75
C GLY B 29 12.80 2.78 -41.13
N PRO B 30 13.26 1.52 -41.24
CA PRO B 30 14.66 1.19 -41.56
C PRO B 30 15.13 1.74 -42.90
N HYP C 3 -38.21 11.50 7.65
CA HYP C 3 -37.01 10.79 6.91
C HYP C 3 -35.78 11.21 7.34
O HYP C 3 -35.64 11.81 8.43
CB HYP C 3 -37.27 11.07 5.39
CG HYP C 3 -38.53 11.27 5.33
CD HYP C 3 -39.01 11.85 6.73
OD1 HYP C 3 -39.19 9.98 5.03
N GLY C 4 -34.78 10.91 6.52
CA GLY C 4 -33.40 11.30 6.81
C GLY C 4 -32.67 11.86 5.61
N PRO C 5 -31.36 12.14 5.77
CA PRO C 5 -30.52 12.82 4.77
C PRO C 5 -30.17 11.97 3.54
N HYP C 6 -29.89 12.63 2.41
CA HYP C 6 -29.34 11.86 1.14
C HYP C 6 -28.19 11.22 1.44
O HYP C 6 -27.45 11.62 2.38
CB HYP C 6 -29.21 12.95 0.03
CG HYP C 6 -29.99 13.88 0.42
CD HYP C 6 -30.05 13.82 2.01
OD1 HYP C 6 -31.32 13.66 -0.18
N GLY C 7 -27.88 10.17 0.69
CA GLY C 7 -26.70 9.37 0.97
C GLY C 7 -25.41 9.96 0.43
N PRO C 8 -24.30 9.23 0.66
CA PRO C 8 -22.98 9.61 0.14
C PRO C 8 -22.93 9.53 -1.37
N HYP C 9 -21.94 10.19 -1.97
CA HYP C 9 -21.64 9.94 -3.48
C HYP C 9 -21.28 8.64 -3.65
O HYP C 9 -20.50 8.12 -2.83
CB HYP C 9 -20.54 10.99 -3.86
CG HYP C 9 -20.49 11.78 -2.86
CD HYP C 9 -21.03 11.00 -1.59
OD1 HYP C 9 -21.35 12.95 -3.13
N GLY C 10 -21.81 7.99 -4.67
CA GLY C 10 -21.43 6.62 -4.99
C GLY C 10 -19.96 6.50 -5.35
N PRO C 11 -19.48 5.28 -5.56
CA PRO C 11 -18.06 5.07 -5.83
C PRO C 11 -17.67 5.49 -7.25
N LYS C 12 -16.36 5.68 -7.43
CA LYS C 12 -15.82 6.10 -8.72
C LYS C 12 -15.86 4.97 -9.75
N GLY C 13 -16.19 5.31 -10.99
CA GLY C 13 -16.24 4.34 -12.07
C GLY C 13 -14.88 3.71 -12.36
N HIS C 14 -14.92 2.66 -13.16
CA HIS C 14 -13.69 1.96 -13.56
C HIS C 14 -12.86 2.84 -14.49
N ARG C 15 -11.59 2.46 -14.64
CA ARG C 15 -10.73 3.10 -15.63
C ARG C 15 -11.23 2.82 -17.06
N GLY C 16 -11.11 3.84 -17.92
CA GLY C 16 -11.67 3.76 -19.26
C GLY C 16 -10.89 2.80 -20.16
N PHE C 17 -11.49 2.52 -21.31
CA PHE C 17 -10.82 1.70 -22.32
C PHE C 17 -9.44 2.25 -22.64
N SER C 18 -8.48 1.34 -22.85
CA SER C 18 -7.16 1.77 -23.27
C SER C 18 -7.22 2.45 -24.64
N GLY C 19 -6.19 3.24 -24.94
CA GLY C 19 -6.17 3.94 -26.20
C GLY C 19 -5.83 3.02 -27.35
N LEU C 20 -6.31 3.39 -28.53
CA LEU C 20 -5.91 2.75 -29.77
C LEU C 20 -4.42 2.97 -30.02
N HYP C 21 -3.76 1.93 -30.53
CA HYP C 21 -2.27 2.03 -31.04
C HYP C 21 -2.07 3.08 -31.88
O HYP C 21 -3.00 3.50 -32.57
CB HYP C 21 -2.02 0.62 -31.66
CG HYP C 21 -2.82 -0.09 -30.97
CD HYP C 21 -4.14 0.76 -30.87
OD1 HYP C 21 -2.30 -0.25 -29.59
N GLY C 22 -0.85 3.63 -31.89
CA GLY C 22 -0.54 4.76 -32.74
C GLY C 22 -0.40 4.37 -34.20
N PRO C 23 -0.34 5.37 -35.10
CA PRO C 23 -0.21 5.05 -36.52
C PRO C 23 1.22 4.64 -36.85
N HYP C 24 1.41 4.00 -37.99
CA HYP C 24 2.86 3.62 -38.49
C HYP C 24 3.69 4.72 -38.57
O HYP C 24 3.23 5.83 -38.88
CB HYP C 24 2.62 2.88 -39.84
CG HYP C 24 1.37 2.66 -39.92
CD HYP C 24 0.60 3.54 -38.85
OD1 HYP C 24 1.06 1.21 -39.69
N GLY C 25 4.97 4.51 -38.27
CA GLY C 25 5.95 5.59 -38.34
C GLY C 25 6.33 5.98 -39.76
N PRO C 26 7.18 7.02 -39.89
CA PRO C 26 7.64 7.51 -41.19
C PRO C 26 8.63 6.56 -41.88
N HYP C 27 8.84 6.75 -43.17
CA HYP C 27 9.90 5.87 -43.96
C HYP C 27 11.17 6.35 -43.78
O HYP C 27 11.35 7.48 -43.32
CB HYP C 27 9.38 5.88 -45.45
CG HYP C 27 8.38 6.67 -45.49
CD HYP C 27 8.22 7.39 -44.09
OD1 HYP C 27 7.15 5.91 -45.81
N GLY C 28 12.17 5.52 -44.10
CA GLY C 28 13.56 5.94 -44.00
C GLY C 28 14.50 5.17 -44.92
N PRO C 29 15.26 5.89 -45.75
CA PRO C 29 16.29 5.26 -46.60
C PRO C 29 17.44 4.66 -45.79
N HYP D 3 -36.31 6.97 7.32
CA HYP D 3 -35.67 6.52 5.94
C HYP D 3 -34.71 7.38 5.49
O HYP D 3 -34.34 8.34 6.20
CB HYP D 3 -36.89 6.35 4.97
CG HYP D 3 -37.94 6.63 5.65
CD HYP D 3 -37.57 6.80 7.19
OD1 HYP D 3 -38.94 5.54 5.50
N GLY D 4 -34.23 7.14 4.27
CA GLY D 4 -33.22 7.98 3.65
C GLY D 4 -33.09 7.74 2.16
N PRO D 5 -32.76 8.79 1.39
CA PRO D 5 -32.62 8.67 -0.06
C PRO D 5 -31.18 8.38 -0.49
N HYP D 6 -31.05 7.54 -1.52
CA HYP D 6 -29.64 7.19 -2.14
C HYP D 6 -29.00 8.31 -2.57
O HYP D 6 -29.62 9.29 -3.02
CB HYP D 6 -29.95 6.14 -3.25
CG HYP D 6 -31.22 5.99 -3.23
CD HYP D 6 -31.77 6.55 -1.85
OD1 HYP D 6 -31.58 4.55 -3.37
N GLY D 7 -27.67 8.28 -2.46
CA GLY D 7 -26.86 9.42 -2.78
C GLY D 7 -26.60 9.57 -4.27
N PRO D 8 -25.83 10.60 -4.64
CA PRO D 8 -25.48 10.86 -6.03
C PRO D 8 -24.59 9.78 -6.59
N HYP D 9 -24.64 9.54 -7.91
CA HYP D 9 -23.62 8.57 -8.59
C HYP D 9 -22.36 9.10 -8.46
O HYP D 9 -22.18 10.33 -8.41
CB HYP D 9 -24.13 8.39 -10.05
CG HYP D 9 -25.13 9.18 -10.17
CD HYP D 9 -25.26 10.09 -8.88
OD1 HYP D 9 -26.37 8.41 -10.37
N GLY D 10 -21.37 8.23 -8.34
CA GLY D 10 -20.00 8.67 -8.16
C GLY D 10 -19.39 9.27 -9.40
N PRO D 11 -18.14 9.70 -9.29
CA PRO D 11 -17.48 10.36 -10.43
C PRO D 11 -17.19 9.39 -11.57
N LYS D 12 -16.93 9.95 -12.75
CA LYS D 12 -16.48 9.13 -13.85
C LYS D 12 -15.07 8.64 -13.57
N GLY D 13 -14.78 7.42 -14.02
CA GLY D 13 -13.50 6.81 -13.70
C GLY D 13 -12.33 7.56 -14.31
N HIS D 14 -11.13 7.10 -13.97
CA HIS D 14 -9.94 7.62 -14.63
C HIS D 14 -10.00 7.36 -16.13
N ARG D 15 -9.36 8.23 -16.90
CA ARG D 15 -9.19 8.01 -18.33
C ARG D 15 -8.31 6.79 -18.57
N GLY D 16 -8.62 6.04 -19.64
CA GLY D 16 -7.84 4.87 -19.95
C GLY D 16 -6.38 5.20 -20.23
N PHE D 17 -5.55 4.17 -20.15
CA PHE D 17 -4.18 4.29 -20.62
C PHE D 17 -4.15 4.74 -22.08
N SER D 18 -3.11 5.47 -22.43
CA SER D 18 -2.97 5.83 -23.84
C SER D 18 -2.55 4.63 -24.65
N GLY D 19 -2.89 4.64 -25.94
CA GLY D 19 -2.48 3.57 -26.81
C GLY D 19 -0.97 3.47 -26.89
N LEU D 20 -0.48 2.29 -27.22
CA LEU D 20 0.96 2.10 -27.38
C LEU D 20 1.50 2.89 -28.57
N HYP D 21 2.82 3.05 -28.65
CA HYP D 21 3.47 3.70 -29.93
C HYP D 21 3.23 2.90 -31.02
O HYP D 21 3.30 1.67 -30.91
CB HYP D 21 4.99 3.87 -29.57
CG HYP D 21 5.02 3.88 -28.30
CD HYP D 21 3.70 3.21 -27.73
OD1 HYP D 21 5.14 5.29 -27.83
N GLY D 22 2.89 3.52 -32.15
CA GLY D 22 2.56 2.75 -33.35
C GLY D 22 3.68 1.88 -33.90
N PRO D 23 3.39 1.17 -35.01
CA PRO D 23 4.40 0.30 -35.64
C PRO D 23 5.45 1.11 -36.40
N HYP D 24 6.59 0.50 -36.67
CA HYP D 24 7.75 1.23 -37.46
C HYP D 24 7.38 1.51 -38.74
O HYP D 24 6.37 0.95 -39.24
CB HYP D 24 8.99 0.29 -37.32
CG HYP D 24 8.66 -0.58 -36.45
CD HYP D 24 7.07 -0.64 -36.36
OD1 HYP D 24 9.25 -0.25 -35.13
N GLY D 25 8.12 2.38 -39.41
CA GLY D 25 7.78 2.74 -40.78
C GLY D 25 8.32 1.79 -41.83
N PRO D 26 8.18 2.18 -43.12
CA PRO D 26 8.75 1.47 -44.28
C PRO D 26 10.24 1.75 -44.46
N HYP D 27 10.99 0.75 -44.91
CA HYP D 27 12.55 0.93 -45.13
C HYP D 27 12.81 1.62 -46.28
O HYP D 27 12.42 2.79 -46.42
CB HYP D 27 13.14 -0.52 -45.09
CG HYP D 27 12.14 -1.31 -45.01
CD HYP D 27 10.78 -0.50 -45.09
OD1 HYP D 27 12.22 -2.11 -43.75
S SO4 E . -1.65 -8.28 -20.85
O1 SO4 E . -1.33 -7.36 -21.97
O2 SO4 E . -0.59 -8.19 -19.82
O3 SO4 E . -2.95 -7.91 -20.24
O4 SO4 E . -1.75 -9.66 -21.33
S SO4 F . 3.53 -13.66 20.10
O1 SO4 F . 3.00 -12.50 19.38
O2 SO4 F . 4.76 -13.36 20.83
O3 SO4 F . 2.55 -14.07 21.08
O4 SO4 F . 3.76 -14.75 19.12
S SO4 G . -12.16 -12.81 32.75
O1 SO4 G . -11.21 -12.97 31.65
O2 SO4 G . -11.94 -11.57 33.45
O3 SO4 G . -13.49 -12.79 32.16
O4 SO4 G . -11.74 -13.88 33.62
#